data_2QBT
#
_entry.id   2QBT
#
_cell.length_a   154.149
_cell.length_b   84.760
_cell.length_c   78.951
_cell.angle_alpha   90.00
_cell.angle_beta   90.00
_cell.angle_gamma   90.00
#
_symmetry.space_group_name_H-M   'C 2 2 21'
#
loop_
_entity.id
_entity.type
_entity.pdbx_description
1 polymer 'Aspartate aminotransferase'
2 non-polymer 'SULFATE ION'
3 non-polymer '4-[({3-HYDROXY-2-METHYL-5-[(PHOSPHONOOXY)METHYL]PYRIDIN-4-YL}METHYL)AMINO]THIOPHENE-2-CARBOXYLIC ACID'
4 non-polymer "4'-DEOXY-4'-AMINOPYRIDOXAL-5'-PHOSPHATE"
5 non-polymer GLYCEROL
6 water water
#
_entity_poly.entity_id   1
_entity_poly.type   'polypeptide(L)'
_entity_poly.pdbx_seq_one_letter_code
;MFENITAAPADPILGLADLFRADERPGKINLGIGVYKDETGKTPVLTSVKKAEQYLLENETTKNYLGIDGIPEFGRCTQE
LLFGKGSALINDKRARTAQTPGGTGALRVAADFLAKNTSVKRVWVSNPSWPNHKSVFNSAGLEVREYAYYDAENHTLDFD
ALINSLNEAQAGDVVLFHGCCHNPTGIDPTLEQWQTLAQLSVEKGWLPLFDFAYQGFARGLEEDAEGLRAFAAMHKELIV
ASSYS(KST)NFGLYNERVGACTLVAADSETVDRAFSQMKAAIRANYSNPPAHGASVVATILSNDALRAIWEQELTDMRQ
RIQRMRQLFVNTLQEKGANRDFSFIIKQNGMFSFSGLTKEQVLRLREEFGVYAVASGRVNVAGMTPDNMAPLCEAIVAVL
;
_entity_poly.pdbx_strand_id   A
#
loop_
_chem_comp.id
_chem_comp.type
_chem_comp.name
_chem_comp.formula
GOL non-polymer GLYCEROL 'C3 H8 O3'
PMP non-polymer 4'-DEOXY-4'-AMINOPYRIDOXAL-5'-PHOSPHATE 'C8 H13 N2 O5 P'
PSZ non-polymer '4-[({3-HYDROXY-2-METHYL-5-[(PHOSPHONOOXY)METHYL]PYRIDIN-4-YL}METHYL)AMINO]THIOPHENE-2-CARBOXYLIC ACID' 'C13 H15 N2 O7 P S'
SO4 non-polymer 'SULFATE ION' 'O4 S -2'
#
# COMPACT_ATOMS: atom_id res chain seq x y z
N MET A 1 -14.13 -4.23 -35.53
CA MET A 1 -13.97 -3.28 -34.38
CA MET A 1 -13.94 -3.23 -34.43
CA MET A 1 -13.93 -3.23 -34.44
C MET A 1 -12.65 -3.48 -33.64
N PHE A 2 -12.23 -4.74 -33.55
CA PHE A 2 -11.06 -5.10 -32.72
C PHE A 2 -9.77 -5.34 -33.52
N GLU A 3 -9.90 -5.34 -34.84
CA GLU A 3 -8.77 -5.77 -35.70
C GLU A 3 -7.52 -4.86 -35.61
N ASN A 4 -7.71 -3.59 -35.24
CA ASN A 4 -6.60 -2.64 -35.18
CA ASN A 4 -6.65 -2.58 -35.19
C ASN A 4 -6.13 -2.23 -33.78
N ILE A 5 -6.69 -2.88 -32.77
CA ILE A 5 -6.29 -2.57 -31.39
C ILE A 5 -4.82 -2.91 -31.14
N THR A 6 -4.12 -1.96 -30.52
CA THR A 6 -2.74 -2.14 -30.11
CA THR A 6 -2.75 -2.21 -30.13
C THR A 6 -2.70 -2.89 -28.78
N ALA A 7 -1.84 -3.91 -28.68
CA ALA A 7 -1.68 -4.66 -27.45
C ALA A 7 -1.23 -3.74 -26.34
N ALA A 8 -1.71 -4.00 -25.13
CA ALA A 8 -1.26 -3.30 -23.93
C ALA A 8 0.22 -3.55 -23.76
N PRO A 9 0.95 -2.58 -23.17
CA PRO A 9 2.37 -2.87 -22.91
C PRO A 9 2.49 -4.20 -22.16
N ALA A 10 3.49 -5.01 -22.52
CA ALA A 10 3.68 -6.33 -21.90
C ALA A 10 3.67 -6.24 -20.35
N ASP A 11 2.97 -7.19 -19.73
CA ASP A 11 2.82 -7.25 -18.26
C ASP A 11 4.16 -7.62 -17.61
N PRO A 12 4.79 -6.67 -16.87
CA PRO A 12 6.11 -6.96 -16.29
C PRO A 12 6.01 -7.84 -15.03
N ILE A 13 4.82 -7.92 -14.47
CA ILE A 13 4.58 -8.70 -13.27
C ILE A 13 4.51 -10.17 -13.67
N LEU A 14 3.81 -10.44 -14.77
CA LEU A 14 3.61 -11.81 -15.26
C LEU A 14 4.80 -12.54 -15.94
N GLY A 15 5.85 -11.88 -16.43
CA GLY A 15 6.76 -11.06 -15.65
C GLY A 15 8.08 -11.66 -16.07
N LEU A 16 9.15 -11.58 -15.27
CA LEU A 16 9.19 -11.76 -13.83
C LEU A 16 8.61 -13.10 -13.38
N ALA A 17 7.31 -13.15 -13.09
CA ALA A 17 6.68 -14.39 -12.60
C ALA A 17 6.95 -15.58 -13.52
N ASP A 18 6.68 -15.39 -14.81
CA ASP A 18 6.87 -16.45 -15.81
C ASP A 18 8.33 -16.85 -15.98
N LEU A 19 9.23 -15.88 -15.96
CA LEU A 19 10.65 -16.15 -16.10
C LEU A 19 11.15 -16.88 -14.86
N PHE A 20 10.66 -16.46 -13.70
CA PHE A 20 11.01 -17.15 -12.45
C PHE A 20 10.56 -18.60 -12.48
N ARG A 21 9.30 -18.78 -12.90
CA ARG A 21 8.71 -20.11 -13.08
C ARG A 21 9.61 -20.99 -13.96
N ALA A 22 9.95 -20.46 -15.15
CA ALA A 22 10.69 -21.23 -16.15
C ALA A 22 12.15 -21.53 -15.79
N ASP A 23 12.69 -20.85 -14.78
CA ASP A 23 14.10 -20.98 -14.41
C ASP A 23 14.40 -22.38 -13.87
N GLU A 24 15.33 -23.10 -14.50
CA GLU A 24 15.65 -24.49 -14.13
C GLU A 24 16.48 -24.58 -12.86
N ARG A 25 17.13 -23.47 -12.51
CA ARG A 25 18.20 -23.49 -11.50
C ARG A 25 17.77 -23.63 -10.06
N PRO A 26 18.58 -24.35 -9.27
CA PRO A 26 18.63 -24.05 -7.85
C PRO A 26 19.73 -22.99 -7.60
N GLY A 27 19.65 -22.23 -6.51
CA GLY A 27 18.48 -22.12 -5.68
C GLY A 27 17.96 -20.74 -6.02
N LYS A 28 17.07 -20.71 -7.00
CA LYS A 28 16.47 -19.44 -7.45
CA LYS A 28 16.39 -19.49 -7.47
C LYS A 28 15.67 -18.79 -6.32
N ILE A 29 15.63 -17.46 -6.33
CA ILE A 29 14.97 -16.67 -5.28
C ILE A 29 14.14 -15.53 -5.85
N ASN A 30 12.87 -15.45 -5.45
CA ASN A 30 11.96 -14.40 -5.93
C ASN A 30 11.74 -13.25 -4.95
N LEU A 31 12.44 -12.13 -5.19
CA LEU A 31 12.24 -10.91 -4.40
C LEU A 31 11.39 -9.91 -5.15
N GLY A 32 10.80 -10.36 -6.27
CA GLY A 32 9.96 -9.50 -7.06
C GLY A 32 8.48 -9.66 -6.74
N ILE A 33 8.17 -10.64 -5.88
CA ILE A 33 6.78 -10.91 -5.45
C ILE A 33 6.14 -9.68 -4.78
N GLY A 34 4.83 -9.53 -4.93
CA GLY A 34 4.11 -8.42 -4.28
C GLY A 34 3.57 -8.72 -2.88
N VAL A 35 3.53 -10.00 -2.51
CA VAL A 35 2.86 -10.42 -1.28
C VAL A 35 3.83 -10.75 -0.11
N TYR A 36 3.27 -10.84 1.08
CA TYR A 36 4.01 -11.30 2.22
C TYR A 36 4.25 -12.80 2.09
N LYS A 37 5.42 -13.24 2.51
CA LYS A 37 5.72 -14.66 2.62
C LYS A 37 6.27 -14.92 4.02
N ASP A 38 5.95 -16.08 4.59
CA ASP A 38 6.48 -16.43 5.91
C ASP A 38 7.86 -17.08 5.77
N GLU A 39 8.39 -17.58 6.89
CA GLU A 39 9.74 -18.15 6.92
CA GLU A 39 9.73 -18.15 6.93
C GLU A 39 9.85 -19.41 6.07
N THR A 40 8.72 -20.03 5.76
CA THR A 40 8.72 -21.22 4.90
C THR A 40 8.48 -20.88 3.44
N GLY A 41 8.30 -19.59 3.13
CA GLY A 41 8.14 -19.15 1.74
C GLY A 41 6.70 -19.25 1.28
N LYS A 42 5.78 -19.36 2.24
CA LYS A 42 4.35 -19.49 1.96
CA LYS A 42 4.38 -19.47 1.88
C LYS A 42 3.60 -18.20 2.25
N THR A 43 2.45 -18.03 1.63
CA THR A 43 1.55 -16.92 1.92
C THR A 43 0.25 -17.55 2.48
N PRO A 44 0.31 -18.11 3.70
N PRO A 44 0.23 -17.82 3.79
CA PRO A 44 -0.91 -18.80 4.18
CA PRO A 44 -0.88 -18.61 4.34
C PRO A 44 -2.08 -17.86 4.51
C PRO A 44 -2.15 -17.78 4.45
N VAL A 45 -3.28 -18.46 4.61
CA VAL A 45 -4.45 -17.77 5.07
C VAL A 45 -4.21 -17.58 6.58
N LEU A 46 -4.43 -16.36 7.08
CA LEU A 46 -4.27 -16.12 8.51
CA LEU A 46 -4.29 -16.10 8.51
C LEU A 46 -5.26 -16.97 9.29
N THR A 47 -4.81 -17.42 10.47
CA THR A 47 -5.66 -18.22 11.34
C THR A 47 -6.92 -17.45 11.75
N SER A 48 -6.77 -16.16 12.10
CA SER A 48 -7.93 -15.32 12.40
C SER A 48 -8.94 -15.32 11.25
N VAL A 49 -8.43 -15.24 10.02
CA VAL A 49 -9.29 -15.29 8.82
C VAL A 49 -9.99 -16.63 8.68
N LYS A 50 -9.26 -17.73 8.83
CA LYS A 50 -9.91 -19.05 8.76
C LYS A 50 -11.03 -19.17 9.81
N LYS A 51 -10.76 -18.69 11.03
CA LYS A 51 -11.77 -18.76 12.10
C LYS A 51 -13.01 -17.96 11.71
N ALA A 52 -12.78 -16.77 11.18
CA ALA A 52 -13.86 -15.90 10.73
C ALA A 52 -14.64 -16.55 9.60
N GLU A 53 -13.94 -17.15 8.65
CA GLU A 53 -14.61 -17.80 7.52
C GLU A 53 -15.45 -18.97 7.99
N GLN A 54 -14.98 -19.71 9.00
CA GLN A 54 -15.79 -20.80 9.54
CA GLN A 54 -15.77 -20.81 9.56
C GLN A 54 -17.06 -20.27 10.15
N TYR A 55 -16.93 -19.20 10.94
N TYR A 55 -16.94 -19.18 10.91
CA TYR A 55 -18.09 -18.55 11.53
CA TYR A 55 -18.07 -18.54 11.53
C TYR A 55 -19.10 -18.14 10.44
C TYR A 55 -19.10 -18.04 10.50
N LEU A 56 -18.62 -17.49 9.39
CA LEU A 56 -19.51 -17.04 8.31
C LEU A 56 -20.20 -18.23 7.63
N LEU A 57 -19.45 -19.29 7.37
CA LEU A 57 -20.07 -20.49 6.77
C LEU A 57 -21.22 -21.01 7.64
N GLU A 58 -21.03 -21.01 8.96
N GLU A 58 -21.01 -20.98 8.95
CA GLU A 58 -22.03 -21.56 9.90
CA GLU A 58 -21.98 -21.52 9.90
C GLU A 58 -23.17 -20.60 10.24
C GLU A 58 -23.20 -20.63 10.03
N ASN A 59 -22.99 -19.32 9.94
CA ASN A 59 -23.98 -18.32 10.31
CA ASN A 59 -24.03 -18.36 10.30
C ASN A 59 -24.69 -17.55 9.20
N GLU A 60 -24.04 -17.43 8.05
CA GLU A 60 -24.66 -16.72 6.93
CA GLU A 60 -24.67 -16.73 6.94
C GLU A 60 -25.92 -17.45 6.47
N THR A 61 -27.02 -16.70 6.36
CA THR A 61 -28.30 -17.25 5.87
C THR A 61 -28.76 -16.67 4.52
N THR A 62 -28.01 -15.71 3.96
CA THR A 62 -28.34 -15.13 2.66
C THR A 62 -27.08 -14.56 2.04
N LYS A 63 -27.07 -14.45 0.71
CA LYS A 63 -26.05 -13.66 0.01
C LYS A 63 -26.67 -12.38 -0.56
N ASN A 64 -27.80 -11.98 -0.02
CA ASN A 64 -28.43 -10.76 -0.50
C ASN A 64 -27.46 -9.57 -0.57
N TYR A 65 -27.59 -8.76 -1.61
CA TYR A 65 -26.68 -7.62 -1.88
C TYR A 65 -26.42 -6.76 -0.63
N LEU A 66 -25.17 -6.35 -0.46
CA LEU A 66 -24.87 -5.29 0.49
C LEU A 66 -25.34 -3.97 -0.10
N GLY A 67 -25.42 -2.96 0.76
CA GLY A 67 -25.64 -1.59 0.28
C GLY A 67 -24.43 -1.19 -0.58
N ILE A 68 -24.58 -0.12 -1.34
CA ILE A 68 -23.55 0.39 -2.25
C ILE A 68 -22.24 0.61 -1.50
N ASP A 69 -22.34 1.14 -0.28
CA ASP A 69 -21.17 1.36 0.57
C ASP A 69 -20.71 0.17 1.45
N GLY A 70 -21.40 -0.96 1.31
CA GLY A 70 -20.95 -2.23 1.92
C GLY A 70 -21.41 -2.39 3.36
N ILE A 71 -20.68 -3.21 4.12
CA ILE A 71 -21.09 -3.59 5.50
C ILE A 71 -20.85 -2.41 6.47
N PRO A 72 -21.90 -1.93 7.14
CA PRO A 72 -21.72 -0.81 8.08
C PRO A 72 -20.65 -1.02 9.14
N GLU A 73 -20.60 -2.21 9.76
CA GLU A 73 -19.57 -2.51 10.77
C GLU A 73 -18.16 -2.35 10.18
N PHE A 74 -17.99 -2.81 8.95
CA PHE A 74 -16.71 -2.68 8.26
C PHE A 74 -16.28 -1.21 8.17
N GLY A 75 -17.21 -0.33 7.77
CA GLY A 75 -16.95 1.11 7.68
C GLY A 75 -16.57 1.69 9.03
N ARG A 76 -17.30 1.31 10.07
CA ARG A 76 -17.02 1.84 11.42
C ARG A 76 -15.64 1.41 11.91
N CYS A 77 -15.34 0.13 11.75
CA CYS A 77 -14.03 -0.40 12.17
C CYS A 77 -12.89 0.22 11.38
N THR A 78 -13.12 0.44 10.09
CA THR A 78 -12.14 1.10 9.22
C THR A 78 -11.85 2.52 9.73
N GLN A 79 -12.91 3.29 9.98
CA GLN A 79 -12.69 4.66 10.44
C GLN A 79 -11.95 4.70 11.77
N GLU A 80 -12.26 3.76 12.66
CA GLU A 80 -11.54 3.68 13.94
CA GLU A 80 -11.54 3.70 13.92
C GLU A 80 -10.05 3.37 13.73
N LEU A 81 -9.77 2.44 12.82
CA LEU A 81 -8.37 2.14 12.50
C LEU A 81 -7.63 3.38 11.99
N LEU A 82 -8.29 4.14 11.12
CA LEU A 82 -7.66 5.24 10.43
C LEU A 82 -7.49 6.43 11.35
N PHE A 83 -8.54 6.76 12.09
CA PHE A 83 -8.59 8.06 12.78
C PHE A 83 -8.41 7.95 14.29
N GLY A 84 -8.60 6.75 14.82
CA GLY A 84 -8.50 6.49 16.27
C GLY A 84 -9.88 6.51 16.91
N LYS A 85 -10.10 5.62 17.86
CA LYS A 85 -11.34 5.62 18.64
C LYS A 85 -11.47 6.98 19.34
N GLY A 86 -12.67 7.55 19.27
CA GLY A 86 -12.92 8.88 19.88
C GLY A 86 -12.38 10.07 19.10
N SER A 87 -11.97 9.84 17.86
CA SER A 87 -11.59 10.91 16.96
C SER A 87 -12.73 11.91 16.81
N ALA A 88 -12.39 13.21 16.85
CA ALA A 88 -13.37 14.27 16.60
C ALA A 88 -14.02 14.14 15.23
N LEU A 89 -13.24 13.70 14.25
CA LEU A 89 -13.70 13.42 12.90
CA LEU A 89 -13.75 13.46 12.90
C LEU A 89 -14.89 12.47 12.92
N ILE A 90 -14.79 11.43 13.74
CA ILE A 90 -15.83 10.40 13.85
C ILE A 90 -17.01 10.94 14.66
N ASN A 91 -16.71 11.50 15.83
CA ASN A 91 -17.73 12.09 16.69
CA ASN A 91 -17.74 12.05 16.68
C ASN A 91 -18.58 13.12 15.96
N ASP A 92 -17.94 13.92 15.11
CA ASP A 92 -18.64 14.98 14.37
C ASP A 92 -19.28 14.48 13.07
N LYS A 93 -19.20 13.17 12.82
CA LYS A 93 -19.82 12.52 11.65
C LYS A 93 -19.35 13.16 10.33
N ARG A 94 -18.06 13.47 10.29
CA ARG A 94 -17.44 14.12 9.13
C ARG A 94 -16.89 13.14 8.11
N ALA A 95 -16.96 11.84 8.41
CA ALA A 95 -16.39 10.83 7.51
C ALA A 95 -17.42 9.81 7.06
N ARG A 96 -17.35 9.44 5.79
CA ARG A 96 -18.18 8.34 5.26
C ARG A 96 -17.25 7.37 4.57
N THR A 97 -17.49 6.08 4.76
CA THR A 97 -16.64 5.04 4.21
C THR A 97 -17.44 4.13 3.28
N ALA A 98 -16.93 3.92 2.06
CA ALA A 98 -17.43 2.85 1.18
C ALA A 98 -16.45 1.70 1.22
N GLN A 99 -16.97 0.51 1.49
CA GLN A 99 -16.20 -0.71 1.31
C GLN A 99 -16.01 -0.89 -0.21
N THR A 100 -14.80 -1.22 -0.64
CA THR A 100 -14.46 -1.32 -2.05
C THR A 100 -13.72 -2.62 -2.38
N PRO A 101 -13.64 -2.99 -3.67
CA PRO A 101 -12.82 -4.13 -4.08
C PRO A 101 -11.34 -3.79 -4.07
N GLY A 102 -10.77 -3.89 -2.87
CA GLY A 102 -9.34 -3.63 -2.68
C GLY A 102 -9.00 -2.15 -2.57
N GLY A 103 -7.74 -1.89 -2.22
CA GLY A 103 -7.22 -0.53 -2.27
C GLY A 103 -7.31 0.06 -3.69
N THR A 104 -7.08 -0.78 -4.70
CA THR A 104 -7.11 -0.30 -6.09
C THR A 104 -8.52 0.20 -6.39
N GLY A 105 -9.53 -0.60 -6.01
CA GLY A 105 -10.92 -0.19 -6.17
C GLY A 105 -11.20 1.12 -5.44
N ALA A 106 -10.66 1.28 -4.22
CA ALA A 106 -10.85 2.54 -3.47
C ALA A 106 -10.23 3.73 -4.21
N LEU A 107 -9.05 3.53 -4.78
CA LEU A 107 -8.39 4.60 -5.55
C LEU A 107 -9.19 4.98 -6.80
N ARG A 108 -9.74 3.98 -7.47
CA ARG A 108 -10.52 4.25 -8.68
CA ARG A 108 -10.54 4.21 -8.68
C ARG A 108 -11.84 4.93 -8.34
N VAL A 109 -12.50 4.49 -7.27
CA VAL A 109 -13.71 5.16 -6.83
C VAL A 109 -13.41 6.63 -6.47
N ALA A 110 -12.30 6.87 -5.76
CA ALA A 110 -11.91 8.25 -5.45
C ALA A 110 -11.69 9.06 -6.73
N ALA A 111 -10.97 8.46 -7.67
CA ALA A 111 -10.64 9.12 -8.95
C ALA A 111 -11.91 9.48 -9.73
N ASP A 112 -12.82 8.51 -9.86
CA ASP A 112 -14.09 8.72 -10.59
C ASP A 112 -14.94 9.78 -9.91
N PHE A 113 -15.02 9.68 -8.57
CA PHE A 113 -15.73 10.66 -7.76
C PHE A 113 -15.20 12.09 -8.02
N LEU A 114 -13.88 12.25 -7.95
CA LEU A 114 -13.23 13.54 -8.16
C LEU A 114 -13.41 14.05 -9.60
N ALA A 115 -13.20 13.17 -10.58
CA ALA A 115 -13.30 13.58 -11.99
C ALA A 115 -14.71 14.07 -12.31
N LYS A 116 -15.73 13.40 -11.77
CA LYS A 116 -17.11 13.68 -12.15
C LYS A 116 -17.77 14.81 -11.37
N ASN A 117 -17.29 15.06 -10.15
CA ASN A 117 -18.01 15.94 -9.20
C ASN A 117 -17.26 17.17 -8.70
N THR A 118 -16.00 17.31 -9.12
CA THR A 118 -15.15 18.41 -8.65
C THR A 118 -14.36 18.97 -9.82
N SER A 119 -13.61 20.04 -9.57
CA SER A 119 -12.80 20.66 -10.59
C SER A 119 -11.42 20.02 -10.67
N VAL A 120 -11.17 18.96 -9.89
CA VAL A 120 -9.87 18.30 -9.90
C VAL A 120 -9.51 17.81 -11.31
N LYS A 121 -8.31 18.16 -11.75
CA LYS A 121 -7.83 17.71 -13.05
C LYS A 121 -6.52 16.93 -12.94
N ARG A 122 -5.86 17.02 -11.78
CA ARG A 122 -4.49 16.59 -11.65
C ARG A 122 -4.22 16.00 -10.28
N VAL A 123 -3.50 14.87 -10.26
CA VAL A 123 -3.07 14.21 -9.03
C VAL A 123 -1.54 14.17 -8.99
N TRP A 124 -0.97 14.62 -7.87
CA TRP A 124 0.47 14.55 -7.66
C TRP A 124 0.86 13.27 -6.93
N VAL A 125 1.79 12.54 -7.52
CA VAL A 125 2.27 11.25 -7.02
CA VAL A 125 2.27 11.30 -6.93
C VAL A 125 3.78 11.31 -6.82
N SER A 126 4.29 10.59 -5.82
CA SER A 126 5.74 10.57 -5.59
C SER A 126 6.48 9.88 -6.73
N ASN A 127 7.68 10.39 -7.02
CA ASN A 127 8.64 9.68 -7.85
C ASN A 127 9.70 9.03 -6.95
N PRO A 128 9.68 7.69 -6.83
CA PRO A 128 8.84 6.67 -7.46
C PRO A 128 7.55 6.40 -6.68
N SER A 129 6.66 5.64 -7.30
CA SER A 129 5.47 5.13 -6.60
C SER A 129 5.09 3.77 -7.17
N TRP A 130 4.00 3.22 -6.66
CA TRP A 130 3.41 2.05 -7.25
C TRP A 130 2.97 2.43 -8.66
N PRO A 131 3.44 1.68 -9.68
CA PRO A 131 3.17 2.02 -11.07
C PRO A 131 1.68 2.07 -11.43
N ASN A 132 0.84 1.35 -10.69
CA ASN A 132 -0.59 1.39 -11.01
C ASN A 132 -1.29 2.70 -10.64
N HIS A 133 -0.67 3.55 -9.82
CA HIS A 133 -1.30 4.85 -9.50
C HIS A 133 -1.59 5.64 -10.77
N LYS A 134 -0.59 5.75 -11.63
CA LYS A 134 -0.78 6.51 -12.85
C LYS A 134 -1.94 5.95 -13.68
N SER A 135 -1.96 4.63 -13.83
CA SER A 135 -3.00 3.97 -14.64
C SER A 135 -4.38 4.27 -14.08
N VAL A 136 -4.51 4.19 -12.75
CA VAL A 136 -5.82 4.35 -12.13
C VAL A 136 -6.34 5.78 -12.35
N PHE A 137 -5.51 6.77 -12.02
CA PHE A 137 -5.96 8.15 -12.16
CA PHE A 137 -5.91 8.16 -12.15
C PHE A 137 -6.17 8.51 -13.61
N ASN A 138 -5.26 8.09 -14.50
CA ASN A 138 -5.43 8.40 -15.92
C ASN A 138 -6.74 7.81 -16.47
N SER A 139 -7.12 6.62 -15.98
CA SER A 139 -8.36 5.93 -16.41
CA SER A 139 -8.34 5.98 -16.49
C SER A 139 -9.61 6.77 -16.15
N ALA A 140 -9.54 7.58 -15.09
CA ALA A 140 -10.64 8.45 -14.71
C ALA A 140 -10.55 9.80 -15.40
N GLY A 141 -9.53 9.97 -16.26
CA GLY A 141 -9.34 11.23 -16.99
C GLY A 141 -8.52 12.27 -16.24
N LEU A 142 -7.84 11.85 -15.17
CA LEU A 142 -7.02 12.77 -14.38
C LEU A 142 -5.56 12.69 -14.79
N GLU A 143 -4.93 13.86 -14.89
CA GLU A 143 -3.53 13.93 -15.20
CA GLU A 143 -3.50 13.98 -15.19
C GLU A 143 -2.74 13.58 -13.93
N VAL A 144 -1.58 12.96 -14.13
CA VAL A 144 -0.70 12.62 -13.02
C VAL A 144 0.62 13.37 -13.18
N ARG A 145 1.03 14.03 -12.11
CA ARG A 145 2.31 14.71 -12.08
C ARG A 145 3.13 14.17 -10.93
N GLU A 146 4.45 14.21 -11.08
CA GLU A 146 5.32 13.58 -10.10
C GLU A 146 5.99 14.62 -9.23
N TYR A 147 6.12 14.28 -7.95
CA TYR A 147 6.95 15.04 -7.06
C TYR A 147 8.18 14.26 -6.57
N ALA A 148 9.28 14.98 -6.37
CA ALA A 148 10.53 14.37 -5.89
C ALA A 148 10.32 13.76 -4.52
N TYR A 149 11.03 12.66 -4.24
CA TYR A 149 10.81 11.92 -3.01
C TYR A 149 12.09 11.24 -2.55
N TYR A 150 12.64 10.41 -3.42
CA TYR A 150 13.75 9.53 -3.11
C TYR A 150 15.07 10.23 -3.42
N ASP A 151 15.90 10.36 -2.39
CA ASP A 151 17.30 10.78 -2.52
C ASP A 151 18.14 9.55 -2.88
N ALA A 152 18.34 9.33 -4.19
CA ALA A 152 19.08 8.14 -4.68
C ALA A 152 20.53 8.04 -4.17
N GLU A 153 21.07 9.18 -3.69
CA GLU A 153 22.44 9.19 -3.17
CA GLU A 153 22.44 9.22 -3.15
C GLU A 153 22.50 8.67 -1.73
N ASN A 154 21.51 9.06 -0.92
CA ASN A 154 21.51 8.86 0.53
CA ASN A 154 21.58 8.77 0.52
C ASN A 154 20.49 7.80 1.00
N HIS A 155 19.67 7.29 0.08
N HIS A 155 19.66 7.36 0.06
CA HIS A 155 18.63 6.30 0.44
CA HIS A 155 18.58 6.38 0.30
C HIS A 155 17.64 6.85 1.49
C HIS A 155 17.63 6.84 1.41
N THR A 156 17.34 8.14 1.40
CA THR A 156 16.54 8.83 2.41
CA THR A 156 16.45 8.74 2.40
C THR A 156 15.42 9.64 1.71
N LEU A 157 14.54 10.26 2.50
CA LEU A 157 13.54 11.18 1.95
CA LEU A 157 13.54 11.18 1.95
C LEU A 157 14.19 12.52 1.62
N ASP A 158 14.16 12.89 0.34
CA ASP A 158 14.69 14.20 -0.09
C ASP A 158 13.63 15.25 0.15
N PHE A 159 13.52 15.67 1.41
CA PHE A 159 12.42 16.50 1.85
C PHE A 159 12.41 17.86 1.18
N ASP A 160 13.59 18.47 1.07
CA ASP A 160 13.72 19.75 0.36
C ASP A 160 13.25 19.66 -1.08
N ALA A 161 13.65 18.60 -1.78
CA ALA A 161 13.28 18.39 -3.18
C ALA A 161 11.77 18.16 -3.30
N LEU A 162 11.22 17.42 -2.33
CA LEU A 162 9.79 17.15 -2.27
C LEU A 162 9.00 18.45 -2.20
N ILE A 163 9.33 19.26 -1.21
CA ILE A 163 8.67 20.57 -1.02
C ILE A 163 8.81 21.48 -2.25
N ASN A 164 10.02 21.49 -2.83
CA ASN A 164 10.29 22.28 -4.03
CA ASN A 164 10.28 22.27 -4.03
C ASN A 164 9.40 21.84 -5.20
N SER A 165 9.34 20.53 -5.43
CA SER A 165 8.50 19.93 -6.49
CA SER A 165 8.52 20.02 -6.54
C SER A 165 7.05 20.33 -6.33
N LEU A 166 6.58 20.24 -5.09
CA LEU A 166 5.15 20.43 -4.80
C LEU A 166 4.73 21.89 -4.83
N ASN A 167 5.71 22.79 -4.94
CA ASN A 167 5.37 24.18 -5.17
C ASN A 167 4.70 24.44 -6.52
N GLU A 168 4.90 23.52 -7.47
CA GLU A 168 4.29 23.64 -8.77
CA GLU A 168 4.31 23.57 -8.80
C GLU A 168 2.83 23.19 -8.75
N ALA A 169 2.42 22.55 -7.65
CA ALA A 169 1.04 22.08 -7.48
C ALA A 169 0.13 23.28 -7.24
N GLN A 170 -0.99 23.36 -7.96
CA GLN A 170 -1.90 24.50 -7.80
C GLN A 170 -2.96 24.19 -6.75
N ALA A 171 -3.56 25.23 -6.19
CA ALA A 171 -4.70 25.05 -5.30
C ALA A 171 -5.79 24.25 -6.04
N GLY A 172 -6.27 23.19 -5.40
CA GLY A 172 -7.32 22.37 -6.00
C GLY A 172 -6.78 21.13 -6.68
N ASP A 173 -5.45 20.98 -6.70
CA ASP A 173 -4.81 19.74 -7.15
C ASP A 173 -4.88 18.71 -6.01
N VAL A 174 -4.87 17.43 -6.37
CA VAL A 174 -4.83 16.38 -5.36
C VAL A 174 -3.38 16.01 -5.17
N VAL A 175 -2.97 15.80 -3.92
CA VAL A 175 -1.65 15.26 -3.65
C VAL A 175 -1.79 13.92 -2.93
N LEU A 176 -1.20 12.88 -3.54
CA LEU A 176 -1.25 11.53 -3.00
C LEU A 176 -0.09 11.30 -2.05
N PHE A 177 -0.43 10.86 -0.85
CA PHE A 177 0.55 10.44 0.16
C PHE A 177 0.38 8.97 0.52
N HIS A 178 1.48 8.22 0.55
CA HIS A 178 1.44 6.86 1.10
C HIS A 178 1.44 7.00 2.60
N GLY A 179 0.43 6.44 3.28
CA GLY A 179 0.29 6.60 4.72
C GLY A 179 1.50 6.13 5.55
N CYS A 180 2.03 4.97 5.18
CA CYS A 180 3.21 4.37 5.81
C CYS A 180 3.71 3.32 4.84
N CYS A 181 4.92 2.81 5.07
CA CYS A 181 5.52 1.80 4.17
C CYS A 181 5.42 2.23 2.70
N HIS A 182 5.99 3.39 2.42
CA HIS A 182 6.04 3.89 1.05
C HIS A 182 6.45 2.75 0.08
N ASN A 183 5.70 2.62 -1.01
CA ASN A 183 5.97 1.64 -2.03
C ASN A 183 6.47 2.40 -3.27
N PRO A 184 7.72 2.15 -3.72
CA PRO A 184 8.65 1.05 -3.44
C PRO A 184 9.76 1.24 -2.40
N THR A 185 9.88 2.43 -1.81
CA THR A 185 11.12 2.76 -1.08
C THR A 185 11.20 2.35 0.38
N GLY A 186 10.05 2.16 1.03
CA GLY A 186 10.03 1.95 2.47
C GLY A 186 10.43 3.18 3.29
N ILE A 187 10.60 4.33 2.61
CA ILE A 187 10.96 5.59 3.24
C ILE A 187 9.72 6.40 3.54
N ASP A 188 9.46 6.64 4.82
CA ASP A 188 8.26 7.40 5.24
C ASP A 188 8.67 8.71 5.90
N PRO A 189 7.84 9.77 5.76
CA PRO A 189 8.10 10.99 6.53
C PRO A 189 8.12 10.69 8.02
N THR A 190 8.94 11.43 8.76
CA THR A 190 8.87 11.40 10.22
C THR A 190 7.57 12.13 10.61
N LEU A 191 7.15 11.99 11.87
CA LEU A 191 5.95 12.71 12.33
C LEU A 191 6.08 14.23 12.11
N GLU A 192 7.24 14.78 12.46
CA GLU A 192 7.49 16.21 12.22
C GLU A 192 7.39 16.62 10.75
N GLN A 193 7.93 15.78 9.86
CA GLN A 193 7.79 15.97 8.40
C GLN A 193 6.33 15.89 7.94
N TRP A 194 5.57 14.92 8.48
CA TRP A 194 4.13 14.87 8.22
C TRP A 194 3.42 16.16 8.65
N GLN A 195 3.80 16.68 9.83
CA GLN A 195 3.17 17.90 10.35
C GLN A 195 3.49 19.12 9.49
N THR A 196 4.73 19.20 9.02
CA THR A 196 5.14 20.24 8.06
C THR A 196 4.34 20.14 6.76
N LEU A 197 4.24 18.92 6.22
CA LEU A 197 3.44 18.68 5.02
C LEU A 197 1.96 19.01 5.21
N ALA A 198 1.41 18.73 6.39
CA ALA A 198 0.01 19.01 6.70
C ALA A 198 -0.26 20.51 6.68
N GLN A 199 0.64 21.26 7.29
CA GLN A 199 0.56 22.72 7.31
C GLN A 199 0.65 23.28 5.89
N LEU A 200 1.62 22.80 5.13
CA LEU A 200 1.83 23.25 3.76
C LEU A 200 0.61 22.98 2.88
N SER A 201 0.06 21.78 3.00
CA SER A 201 -1.12 21.39 2.23
C SER A 201 -2.34 22.31 2.49
N VAL A 202 -2.53 22.71 3.74
CA VAL A 202 -3.60 23.66 4.08
C VAL A 202 -3.33 25.00 3.39
N GLU A 203 -2.08 25.46 3.49
CA GLU A 203 -1.69 26.75 2.95
CA GLU A 203 -1.67 26.76 2.94
C GLU A 203 -1.85 26.82 1.43
N LYS A 204 -1.49 25.73 0.75
CA LYS A 204 -1.47 25.68 -0.71
C LYS A 204 -2.79 25.23 -1.36
N GLY A 205 -3.72 24.77 -0.52
CA GLY A 205 -5.04 24.35 -0.98
C GLY A 205 -5.04 23.02 -1.70
N TRP A 206 -4.18 22.10 -1.29
CA TRP A 206 -4.18 20.75 -1.88
C TRP A 206 -5.26 19.89 -1.26
N LEU A 207 -5.83 18.99 -2.05
CA LEU A 207 -6.70 17.99 -1.47
C LEU A 207 -5.85 16.74 -1.19
N PRO A 208 -5.67 16.38 0.10
CA PRO A 208 -4.85 15.19 0.36
C PRO A 208 -5.61 13.90 0.05
N LEU A 209 -4.92 13.00 -0.65
CA LEU A 209 -5.41 11.65 -0.87
CA LEU A 209 -5.43 11.66 -0.85
C LEU A 209 -4.42 10.70 -0.23
N PHE A 210 -4.81 10.09 0.89
CA PHE A 210 -3.95 9.08 1.52
C PHE A 210 -4.18 7.70 0.96
N ASP A 211 -3.08 7.01 0.64
CA ASP A 211 -3.16 5.63 0.20
C ASP A 211 -2.54 4.80 1.33
N PHE A 212 -3.36 3.97 1.95
CA PHE A 212 -2.95 3.25 3.14
CA PHE A 212 -2.93 3.20 3.13
C PHE A 212 -3.10 1.75 2.85
N ALA A 213 -2.07 1.13 2.28
CA ALA A 213 -2.16 -0.30 1.96
C ALA A 213 -1.40 -1.19 2.97
N TYR A 214 -0.70 -0.58 3.93
CA TYR A 214 0.23 -1.35 4.77
C TYR A 214 0.13 -1.00 6.24
N GLN A 215 -1.06 -0.55 6.68
CA GLN A 215 -1.19 -0.16 8.07
C GLN A 215 -0.80 -1.32 8.98
N GLY A 216 0.16 -1.09 9.88
CA GLY A 216 0.60 -2.12 10.79
C GLY A 216 1.94 -2.71 10.42
N PHE A 217 2.40 -2.46 9.21
CA PHE A 217 3.66 -3.07 8.74
C PHE A 217 4.92 -2.25 9.03
N ALA A 218 4.76 -0.99 9.43
CA ALA A 218 5.93 -0.16 9.76
C ALA A 218 6.29 -0.29 11.25
N ARG A 219 5.49 0.32 12.11
CA ARG A 219 5.71 0.26 13.57
C ARG A 219 4.55 -0.33 14.34
N GLY A 220 3.33 -0.02 13.92
CA GLY A 220 2.15 -0.57 14.59
C GLY A 220 0.93 0.11 14.05
N LEU A 221 -0.25 -0.40 14.38
CA LEU A 221 -1.47 0.17 13.79
C LEU A 221 -1.61 1.67 14.07
N GLU A 222 -1.50 2.07 15.36
CA GLU A 222 -1.68 3.49 15.71
C GLU A 222 -0.55 4.37 15.19
N GLU A 223 0.67 3.91 15.38
CA GLU A 223 1.87 4.66 14.97
C GLU A 223 1.84 4.91 13.47
N ASP A 224 1.41 3.89 12.73
CA ASP A 224 1.42 3.99 11.28
C ASP A 224 0.37 4.99 10.77
N ALA A 225 -0.66 5.27 11.57
CA ALA A 225 -1.67 6.28 11.20
C ALA A 225 -1.36 7.72 11.68
N GLU A 226 -0.24 7.93 12.38
CA GLU A 226 0.14 9.27 12.85
CA GLU A 226 0.12 9.27 12.85
C GLU A 226 0.14 10.35 11.76
N GLY A 227 0.68 10.01 10.59
CA GLY A 227 0.76 10.96 9.49
C GLY A 227 -0.61 11.39 9.03
N LEU A 228 -1.43 10.40 8.71
CA LEU A 228 -2.82 10.66 8.34
C LEU A 228 -3.51 11.50 9.40
N ARG A 229 -3.35 11.13 10.67
CA ARG A 229 -4.04 11.84 11.74
C ARG A 229 -3.58 13.30 11.89
N ALA A 230 -2.29 13.53 11.63
CA ALA A 230 -1.75 14.91 11.58
C ALA A 230 -2.44 15.74 10.48
N PHE A 231 -2.61 15.15 9.29
CA PHE A 231 -3.37 15.79 8.22
C PHE A 231 -4.83 15.99 8.61
N ALA A 232 -5.43 14.96 9.21
CA ALA A 232 -6.86 14.99 9.53
C ALA A 232 -7.15 16.08 10.55
N ALA A 233 -6.17 16.36 11.42
CA ALA A 233 -6.33 17.39 12.43
C ALA A 233 -6.39 18.79 11.84
N MET A 234 -5.85 18.95 10.63
CA MET A 234 -5.61 20.26 10.00
CA MET A 234 -5.65 20.26 10.02
C MET A 234 -6.57 20.55 8.85
N HIS A 235 -7.12 19.49 8.24
CA HIS A 235 -7.91 19.65 7.03
C HIS A 235 -9.40 19.47 7.23
N LYS A 236 -10.17 20.30 6.54
CA LYS A 236 -11.61 20.08 6.43
C LYS A 236 -11.91 18.86 5.59
N GLU A 237 -11.12 18.67 4.53
CA GLU A 237 -11.41 17.66 3.52
C GLU A 237 -10.21 16.77 3.23
N LEU A 238 -10.49 15.48 3.08
CA LEU A 238 -9.49 14.56 2.56
C LEU A 238 -10.15 13.27 2.15
N ILE A 239 -9.39 12.42 1.50
CA ILE A 239 -9.85 11.08 1.08
C ILE A 239 -8.79 10.09 1.47
N VAL A 240 -9.23 8.92 1.94
CA VAL A 240 -8.29 7.85 2.27
C VAL A 240 -8.72 6.61 1.50
N ALA A 241 -7.78 6.05 0.73
CA ALA A 241 -8.00 4.78 0.08
C ALA A 241 -7.20 3.76 0.87
N SER A 242 -7.88 2.86 1.56
CA SER A 242 -7.15 1.84 2.32
C SER A 242 -7.37 0.42 1.81
N SER A 243 -6.44 -0.46 2.18
CA SER A 243 -6.49 -1.82 1.74
C SER A 243 -6.18 -2.76 2.88
N TYR A 244 -6.90 -3.88 2.92
CA TYR A 244 -6.66 -4.96 3.87
C TYR A 244 -6.03 -6.18 3.22
N SER A 245 -5.59 -6.03 1.98
CA SER A 245 -4.98 -7.12 1.24
C SER A 245 -3.79 -7.69 2.00
O2 KST A 246 0.98 -4.62 -7.93
C9 KST A 246 0.18 -5.17 -7.13
O1 KST A 246 -0.97 -5.56 -7.47
C8 KST A 246 0.54 -5.38 -5.70
S KST A 246 2.15 -5.02 -5.13
C6 KST A 246 1.89 -5.45 -3.46
C7 KST A 246 -0.22 -5.83 -4.61
C5 KST A 246 0.54 -5.86 -3.43
N1 KST A 246 -0.15 -6.29 -2.22
N1 KST A 246 1.68 -5.67 -1.18
C4 KST A 246 0.58 -6.07 -0.95
C4 KST A 246 0.45 -6.46 -1.02
C3 KST A 246 -0.39 -6.23 0.21
C3 KST A 246 -0.25 -6.07 0.27
C2 KST A 246 0.35 -6.60 1.50
C2 KST A 246 0.40 -6.71 1.49
C1 KST A 246 -0.42 -6.29 2.79
C1 KST A 246 -0.34 -6.37 2.78
CA KST A 246 -1.50 -7.34 2.99
N KST A 246 -2.73 -6.76 2.46
C KST A 246 -1.73 -7.60 4.47
O KST A 246 -1.33 -8.61 5.01
N ASN A 247 -2.43 -6.60 5.29
CA ASN A 247 -2.46 -6.76 6.78
C ASN A 247 -3.45 -7.83 7.28
N PHE A 248 -4.34 -8.30 6.39
CA PHE A 248 -5.19 -9.48 6.71
C PHE A 248 -4.83 -10.67 5.82
N GLY A 249 -3.85 -10.51 4.94
CA GLY A 249 -3.53 -11.58 3.99
C GLY A 249 -4.74 -11.93 3.16
N LEU A 250 -5.56 -10.94 2.82
CA LEU A 250 -6.83 -11.17 2.08
C LEU A 250 -6.78 -10.72 0.61
N TYR A 251 -5.57 -10.66 0.06
CA TYR A 251 -5.30 -10.22 -1.31
C TYR A 251 -6.44 -10.48 -2.30
N ASN A 252 -6.78 -11.76 -2.51
CA ASN A 252 -7.67 -12.07 -3.62
C ASN A 252 -9.15 -11.88 -3.32
N GLU A 253 -9.47 -11.52 -2.08
CA GLU A 253 -10.88 -11.28 -1.73
C GLU A 253 -11.30 -9.84 -1.99
N ARG A 254 -10.32 -8.95 -2.23
CA ARG A 254 -10.53 -7.57 -2.70
C ARG A 254 -11.24 -6.76 -1.64
N VAL A 255 -10.47 -6.40 -0.60
CA VAL A 255 -11.04 -5.77 0.57
C VAL A 255 -10.30 -4.46 0.81
N GLY A 256 -11.00 -3.35 0.60
CA GLY A 256 -10.43 -2.04 0.87
C GLY A 256 -11.55 -1.09 1.20
N ALA A 257 -11.22 0.19 1.30
CA ALA A 257 -12.20 1.19 1.71
C ALA A 257 -11.83 2.53 1.12
N CYS A 258 -12.84 3.28 0.71
CA CYS A 258 -12.65 4.67 0.31
C CYS A 258 -13.38 5.49 1.34
N THR A 259 -12.61 6.32 2.06
CA THR A 259 -13.17 7.12 3.13
C THR A 259 -13.10 8.55 2.69
N LEU A 260 -14.27 9.20 2.72
CA LEU A 260 -14.42 10.61 2.36
C LEU A 260 -14.60 11.42 3.62
N VAL A 261 -13.83 12.50 3.74
CA VAL A 261 -13.95 13.42 4.87
C VAL A 261 -14.27 14.82 4.37
N ALA A 262 -15.27 15.48 4.98
CA ALA A 262 -15.57 16.87 4.65
C ALA A 262 -15.77 17.69 5.93
N ALA A 263 -16.04 18.98 5.75
CA ALA A 263 -16.05 19.91 6.88
C ALA A 263 -17.10 19.54 7.94
N ASP A 264 -18.23 19.00 7.49
CA ASP A 264 -19.30 18.63 8.40
C ASP A 264 -20.15 17.51 7.84
N SER A 265 -21.10 17.04 8.66
CA SER A 265 -21.93 15.89 8.29
CA SER A 265 -21.95 15.91 8.31
CA SER A 265 -21.95 15.89 8.31
C SER A 265 -22.81 16.16 7.07
N GLU A 266 -23.39 17.35 6.97
CA GLU A 266 -24.24 17.67 5.80
C GLU A 266 -23.42 17.58 4.52
N THR A 267 -22.23 18.14 4.55
CA THR A 267 -21.38 18.22 3.37
C THR A 267 -20.86 16.82 2.99
N VAL A 268 -20.41 16.07 3.98
CA VAL A 268 -19.89 14.72 3.64
C VAL A 268 -21.01 13.82 3.12
N ASP A 269 -22.19 13.89 3.74
CA ASP A 269 -23.29 13.05 3.26
C ASP A 269 -23.66 13.38 1.81
N ARG A 270 -23.71 14.68 1.50
CA ARG A 270 -24.05 15.14 0.17
C ARG A 270 -23.02 14.68 -0.85
N ALA A 271 -21.74 14.88 -0.55
CA ALA A 271 -20.64 14.42 -1.41
C ALA A 271 -20.64 12.90 -1.55
N PHE A 272 -20.88 12.20 -0.45
CA PHE A 272 -20.83 10.75 -0.45
C PHE A 272 -21.92 10.17 -1.33
N SER A 273 -23.05 10.89 -1.47
CA SER A 273 -24.13 10.40 -2.36
C SER A 273 -23.60 10.24 -3.80
N GLN A 274 -22.70 11.13 -4.20
CA GLN A 274 -22.07 11.06 -5.52
C GLN A 274 -20.97 10.02 -5.59
N MET A 275 -20.30 9.78 -4.48
CA MET A 275 -19.35 8.64 -4.42
C MET A 275 -20.10 7.31 -4.60
N LYS A 276 -21.26 7.19 -3.94
CA LYS A 276 -22.08 6.01 -4.12
CA LYS A 276 -22.16 6.03 -4.11
C LYS A 276 -22.57 5.88 -5.58
N ALA A 277 -22.94 7.00 -6.21
CA ALA A 277 -23.32 6.97 -7.64
C ALA A 277 -22.16 6.45 -8.49
N ALA A 278 -20.95 6.90 -8.18
CA ALA A 278 -19.73 6.43 -8.89
C ALA A 278 -19.55 4.93 -8.75
N ILE A 279 -19.85 4.39 -7.56
CA ILE A 279 -19.71 2.95 -7.29
C ILE A 279 -20.78 2.18 -8.04
N ARG A 280 -22.01 2.69 -7.99
CA ARG A 280 -23.16 2.04 -8.62
C ARG A 280 -22.92 1.79 -10.13
N ALA A 281 -22.29 2.77 -10.79
CA ALA A 281 -21.99 2.71 -12.22
C ALA A 281 -20.71 1.95 -12.55
N ASN A 282 -20.05 1.41 -11.53
CA ASN A 282 -18.82 0.66 -11.72
C ASN A 282 -19.08 -0.84 -11.45
N TYR A 283 -19.24 -1.22 -10.18
CA TYR A 283 -19.42 -2.64 -9.86
C TYR A 283 -20.68 -2.87 -8.99
N SER A 284 -21.48 -1.81 -8.87
CA SER A 284 -22.80 -1.81 -8.22
C SER A 284 -22.76 -1.81 -6.67
N ASN A 285 -22.11 -2.83 -6.11
CA ASN A 285 -21.98 -2.98 -4.65
C ASN A 285 -20.83 -3.95 -4.43
N PRO A 286 -20.20 -3.89 -3.25
CA PRO A 286 -18.90 -4.57 -3.10
C PRO A 286 -18.98 -6.03 -2.64
N PRO A 287 -17.89 -6.80 -2.87
CA PRO A 287 -17.91 -8.23 -2.51
C PRO A 287 -17.88 -8.49 -1.00
N ALA A 288 -18.81 -9.31 -0.54
CA ALA A 288 -19.04 -9.43 0.90
C ALA A 288 -17.99 -10.24 1.63
N HIS A 289 -17.50 -11.33 1.03
CA HIS A 289 -16.80 -12.33 1.84
C HIS A 289 -15.60 -11.76 2.59
N GLY A 290 -14.69 -11.10 1.87
CA GLY A 290 -13.46 -10.57 2.51
C GLY A 290 -13.75 -9.49 3.53
N ALA A 291 -14.64 -8.57 3.17
CA ALA A 291 -14.97 -7.48 4.07
C ALA A 291 -15.70 -8.01 5.29
N SER A 292 -16.54 -9.04 5.11
CA SER A 292 -17.22 -9.62 6.26
CA SER A 292 -17.22 -9.68 6.25
C SER A 292 -16.21 -10.27 7.21
N VAL A 293 -15.19 -10.93 6.65
CA VAL A 293 -14.11 -11.50 7.48
C VAL A 293 -13.45 -10.37 8.30
N VAL A 294 -13.12 -9.26 7.63
CA VAL A 294 -12.50 -8.11 8.33
C VAL A 294 -13.40 -7.57 9.46
N ALA A 295 -14.67 -7.31 9.13
CA ALA A 295 -15.61 -6.79 10.12
C ALA A 295 -15.78 -7.78 11.28
N THR A 296 -15.87 -9.08 10.97
CA THR A 296 -16.01 -10.12 12.01
C THR A 296 -14.82 -10.11 12.97
N ILE A 297 -13.62 -10.01 12.41
CA ILE A 297 -12.41 -10.00 13.22
C ILE A 297 -12.29 -8.72 14.02
N LEU A 298 -12.38 -7.57 13.35
CA LEU A 298 -12.15 -6.30 14.02
C LEU A 298 -13.11 -6.01 15.16
N SER A 299 -14.33 -6.54 15.05
CA SER A 299 -15.41 -6.25 15.99
C SER A 299 -15.55 -7.29 17.11
N ASN A 300 -14.65 -8.28 17.14
CA ASN A 300 -14.66 -9.32 18.16
C ASN A 300 -13.35 -9.30 18.91
N ASP A 301 -13.39 -9.13 20.24
CA ASP A 301 -12.15 -8.98 21.01
C ASP A 301 -11.18 -10.13 20.82
N ALA A 302 -11.72 -11.35 20.84
CA ALA A 302 -10.89 -12.58 20.70
C ALA A 302 -10.23 -12.65 19.32
N LEU A 303 -11.04 -12.62 18.25
CA LEU A 303 -10.47 -12.66 16.91
C LEU A 303 -9.53 -11.48 16.65
N ARG A 304 -9.89 -10.27 17.10
CA ARG A 304 -9.04 -9.10 16.86
CA ARG A 304 -9.04 -9.11 16.85
C ARG A 304 -7.67 -9.31 17.50
N ALA A 305 -7.64 -9.89 18.70
CA ALA A 305 -6.36 -10.12 19.39
C ALA A 305 -5.50 -11.12 18.64
N ILE A 306 -6.13 -12.18 18.13
CA ILE A 306 -5.39 -13.16 17.31
C ILE A 306 -4.81 -12.49 16.05
N TRP A 307 -5.64 -11.73 15.35
CA TRP A 307 -5.22 -11.00 14.13
C TRP A 307 -4.12 -9.99 14.43
N GLU A 308 -4.30 -9.18 15.47
CA GLU A 308 -3.26 -8.20 15.81
C GLU A 308 -1.91 -8.87 16.03
N GLN A 309 -1.91 -10.02 16.69
CA GLN A 309 -0.65 -10.73 16.90
C GLN A 309 -0.09 -11.30 15.58
N GLU A 310 -0.97 -11.81 14.72
CA GLU A 310 -0.54 -12.29 13.41
CA GLU A 310 -0.54 -12.28 13.40
C GLU A 310 0.11 -11.17 12.60
N LEU A 311 -0.48 -9.96 12.67
CA LEU A 311 0.08 -8.80 11.97
C LEU A 311 1.42 -8.40 12.57
N THR A 312 1.48 -8.39 13.91
CA THR A 312 2.74 -8.16 14.63
C THR A 312 3.82 -9.16 14.20
N ASP A 313 3.46 -10.43 14.08
CA ASP A 313 4.41 -11.46 13.65
C ASP A 313 4.95 -11.14 12.26
N MET A 314 4.08 -10.70 11.35
CA MET A 314 4.52 -10.33 10.01
CA MET A 314 4.54 -10.34 10.01
C MET A 314 5.47 -9.12 10.05
N ARG A 315 5.05 -8.09 10.77
CA ARG A 315 5.85 -6.86 10.93
CA ARG A 315 5.86 -6.87 10.90
C ARG A 315 7.24 -7.20 11.46
N GLN A 316 7.26 -8.02 12.50
CA GLN A 316 8.53 -8.43 13.13
C GLN A 316 9.40 -9.31 12.23
N ARG A 317 8.79 -10.23 11.48
CA ARG A 317 9.60 -11.08 10.59
C ARG A 317 10.27 -10.21 9.52
N ILE A 318 9.53 -9.23 9.01
CA ILE A 318 10.10 -8.31 8.01
C ILE A 318 11.28 -7.57 8.63
N GLN A 319 11.12 -7.06 9.85
CA GLN A 319 12.22 -6.36 10.52
C GLN A 319 13.47 -7.25 10.72
N ARG A 320 13.23 -8.51 11.08
CA ARG A 320 14.32 -9.47 11.29
C ARG A 320 15.04 -9.71 9.98
N MET A 321 14.28 -9.79 8.88
CA MET A 321 14.90 -9.97 7.56
C MET A 321 15.72 -8.74 7.13
N ARG A 322 15.22 -7.54 7.39
CA ARG A 322 15.99 -6.32 7.11
C ARG A 322 17.34 -6.40 7.85
N GLN A 323 17.30 -6.73 9.14
CA GLN A 323 18.52 -6.86 9.95
C GLN A 323 19.45 -7.97 9.44
N LEU A 324 18.88 -9.13 9.14
CA LEU A 324 19.66 -10.29 8.68
CA LEU A 324 19.66 -10.28 8.68
C LEU A 324 20.30 -10.00 7.32
N PHE A 325 19.57 -9.30 6.46
CA PHE A 325 20.07 -8.92 5.14
C PHE A 325 21.33 -8.06 5.29
N VAL A 326 21.23 -7.00 6.09
CA VAL A 326 22.36 -6.07 6.31
C VAL A 326 23.56 -6.80 6.91
N ASN A 327 23.32 -7.57 7.97
CA ASN A 327 24.41 -8.36 8.60
C ASN A 327 25.05 -9.34 7.63
N THR A 328 24.23 -10.05 6.86
CA THR A 328 24.72 -11.09 5.95
C THR A 328 25.50 -10.49 4.76
N LEU A 329 25.04 -9.36 4.22
CA LEU A 329 25.80 -8.66 3.18
C LEU A 329 27.19 -8.26 3.69
N GLN A 330 27.26 -7.75 4.92
CA GLN A 330 28.55 -7.39 5.52
C GLN A 330 29.46 -8.62 5.68
N GLU A 331 28.87 -9.74 6.14
N GLU A 331 28.87 -9.70 6.19
CA GLU A 331 29.58 -11.01 6.34
CA GLU A 331 29.51 -11.01 6.33
C GLU A 331 29.94 -11.75 5.04
C GLU A 331 30.08 -11.51 5.01
N LYS A 332 29.30 -11.37 3.94
CA LYS A 332 29.67 -11.90 2.62
C LYS A 332 30.63 -10.97 1.87
N GLY A 333 31.06 -9.90 2.54
CA GLY A 333 32.07 -8.98 2.01
C GLY A 333 31.57 -7.92 1.04
N ALA A 334 30.35 -7.42 1.25
CA ALA A 334 29.82 -6.33 0.44
C ALA A 334 30.63 -5.05 0.59
N ASN A 335 31.13 -4.79 1.80
CA ASN A 335 32.01 -3.65 2.06
C ASN A 335 31.42 -2.27 1.67
N ARG A 336 30.09 -2.16 1.78
N ARG A 336 30.09 -2.15 1.71
CA ARG A 336 29.34 -0.94 1.49
CA ARG A 336 29.43 -0.85 1.58
C ARG A 336 28.24 -0.79 2.55
C ARG A 336 28.26 -0.77 2.55
N ASP A 337 27.83 0.45 2.83
CA ASP A 337 26.81 0.72 3.85
C ASP A 337 25.42 0.32 3.32
N PHE A 338 24.78 -0.63 4.00
CA PHE A 338 23.39 -0.99 3.69
C PHE A 338 22.49 -0.72 4.89
N SER A 339 22.99 0.02 5.87
CA SER A 339 22.26 0.35 7.11
CA SER A 339 22.24 0.31 7.09
C SER A 339 20.90 0.98 6.85
N PHE A 340 20.75 1.65 5.71
CA PHE A 340 19.48 2.28 5.34
C PHE A 340 18.34 1.27 5.32
N ILE A 341 18.67 0.01 5.03
CA ILE A 341 17.67 -1.08 4.97
C ILE A 341 16.98 -1.30 6.33
N ILE A 342 17.74 -1.16 7.41
CA ILE A 342 17.21 -1.36 8.77
CA ILE A 342 17.17 -1.40 8.73
C ILE A 342 16.16 -0.31 9.09
N LYS A 343 16.39 0.90 8.58
CA LYS A 343 15.52 2.03 8.92
C LYS A 343 14.25 2.09 8.10
N GLN A 344 14.25 1.45 6.93
CA GLN A 344 13.12 1.52 6.01
C GLN A 344 11.95 0.64 6.52
N ASN A 345 10.74 0.90 6.04
CA ASN A 345 9.53 0.37 6.64
C ASN A 345 8.72 -0.44 5.64
N GLY A 346 8.39 -1.67 6.01
CA GLY A 346 7.42 -2.47 5.23
C GLY A 346 8.13 -3.51 4.42
N MET A 347 7.46 -4.05 3.42
CA MET A 347 8.05 -5.19 2.71
CA MET A 347 8.01 -5.17 2.65
C MET A 347 9.09 -4.75 1.69
N PHE A 348 9.04 -3.49 1.26
CA PHE A 348 9.80 -3.05 0.07
C PHE A 348 10.92 -2.07 0.38
N SER A 349 12.04 -2.25 -0.31
CA SER A 349 13.13 -1.26 -0.30
C SER A 349 13.81 -1.27 -1.66
N PHE A 350 14.43 -0.16 -2.02
CA PHE A 350 15.39 -0.15 -3.11
C PHE A 350 16.71 -0.68 -2.55
N SER A 351 17.34 -1.60 -3.27
CA SER A 351 18.60 -2.17 -2.83
C SER A 351 19.77 -1.25 -3.14
N GLY A 352 19.54 -0.28 -4.03
CA GLY A 352 20.62 0.59 -4.53
C GLY A 352 21.36 0.02 -5.72
N LEU A 353 20.96 -1.18 -6.17
CA LEU A 353 21.47 -1.79 -7.38
C LEU A 353 20.88 -1.15 -8.64
N THR A 354 21.67 -1.11 -9.70
CA THR A 354 21.21 -0.52 -10.95
C THR A 354 20.35 -1.53 -11.70
N LYS A 355 19.69 -1.04 -12.75
CA LYS A 355 18.87 -1.90 -13.59
C LYS A 355 19.69 -3.02 -14.21
N GLU A 356 20.94 -2.74 -14.57
CA GLU A 356 21.80 -3.78 -15.15
C GLU A 356 22.26 -4.82 -14.13
N GLN A 357 22.56 -4.38 -12.91
CA GLN A 357 22.88 -5.31 -11.82
C GLN A 357 21.69 -6.21 -11.51
N VAL A 358 20.50 -5.63 -11.57
CA VAL A 358 19.27 -6.42 -11.34
C VAL A 358 19.10 -7.47 -12.44
N LEU A 359 19.28 -7.05 -13.70
CA LEU A 359 19.26 -8.01 -14.81
C LEU A 359 20.33 -9.11 -14.65
N ARG A 360 21.55 -8.72 -14.27
CA ARG A 360 22.62 -9.68 -14.00
CA ARG A 360 22.61 -9.70 -14.02
C ARG A 360 22.23 -10.65 -12.88
N LEU A 361 21.65 -10.13 -11.82
CA LEU A 361 21.21 -11.00 -10.71
C LEU A 361 20.25 -12.10 -11.19
N ARG A 362 19.31 -11.71 -12.04
CA ARG A 362 18.32 -12.62 -12.63
CA ARG A 362 18.34 -12.66 -12.59
C ARG A 362 19.01 -13.63 -13.56
N GLU A 363 19.79 -13.13 -14.52
CA GLU A 363 20.37 -14.02 -15.52
C GLU A 363 21.49 -14.93 -15.01
N GLU A 364 22.38 -14.41 -14.18
CA GLU A 364 23.57 -15.18 -13.76
CA GLU A 364 23.55 -15.17 -13.77
C GLU A 364 23.37 -15.92 -12.44
N PHE A 365 22.47 -15.41 -11.60
CA PHE A 365 22.29 -15.99 -10.26
C PHE A 365 20.88 -16.46 -9.93
N GLY A 366 19.93 -16.19 -10.82
CA GLY A 366 18.53 -16.59 -10.59
C GLY A 366 17.89 -15.92 -9.38
N VAL A 367 18.39 -14.74 -9.04
CA VAL A 367 17.76 -13.87 -8.02
C VAL A 367 16.96 -12.79 -8.74
N TYR A 368 15.66 -12.70 -8.41
CA TYR A 368 14.68 -11.88 -9.13
C TYR A 368 14.22 -10.68 -8.30
N ALA A 369 14.49 -9.48 -8.79
CA ALA A 369 13.87 -8.27 -8.26
C ALA A 369 13.24 -7.48 -9.42
N VAL A 370 12.51 -6.42 -9.11
CA VAL A 370 12.02 -5.48 -10.13
CA VAL A 370 12.03 -5.51 -10.16
C VAL A 370 13.18 -4.60 -10.66
N ALA A 371 13.08 -4.04 -11.88
CA ALA A 371 14.17 -3.18 -12.49
C ALA A 371 14.75 -2.02 -11.66
N SER A 372 13.90 -1.37 -10.85
CA SER A 372 14.34 -0.23 -10.05
C SER A 372 15.27 -0.68 -8.92
N GLY A 373 15.38 -1.99 -8.73
CA GLY A 373 16.18 -2.57 -7.66
C GLY A 373 15.34 -2.76 -6.41
N ARG A 374 14.04 -2.60 -6.53
N ARG A 374 14.01 -2.70 -6.60
CA ARG A 374 13.21 -2.84 -5.39
CA ARG A 374 12.91 -2.95 -5.58
C ARG A 374 13.20 -4.32 -5.13
C ARG A 374 12.85 -4.38 -5.11
N VAL A 375 13.20 -4.63 -3.86
CA VAL A 375 13.20 -5.98 -3.37
C VAL A 375 12.14 -6.09 -2.29
N ASN A 376 11.49 -7.23 -2.28
CA ASN A 376 10.54 -7.59 -1.25
CA ASN A 376 10.56 -7.59 -1.24
C ASN A 376 11.31 -8.36 -0.16
N VAL A 377 11.59 -7.69 0.94
CA VAL A 377 12.30 -8.27 2.08
CA VAL A 377 12.34 -8.34 2.01
C VAL A 377 11.59 -9.55 2.61
N ALA A 378 10.27 -9.61 2.47
CA ALA A 378 9.56 -10.84 2.89
C ALA A 378 9.80 -12.06 1.99
N GLY A 379 10.42 -11.87 0.82
CA GLY A 379 10.90 -13.02 0.03
C GLY A 379 12.18 -13.59 0.59
N MET A 380 12.72 -12.94 1.63
CA MET A 380 13.95 -13.39 2.25
C MET A 380 13.64 -14.28 3.44
N THR A 381 14.47 -15.29 3.63
CA THR A 381 14.32 -16.22 4.76
C THR A 381 15.70 -16.51 5.31
N PRO A 382 15.78 -16.99 6.57
CA PRO A 382 17.08 -17.44 7.07
C PRO A 382 17.79 -18.42 6.12
N ASP A 383 17.02 -19.31 5.48
CA ASP A 383 17.58 -20.32 4.59
C ASP A 383 18.14 -19.76 3.28
N ASN A 384 17.43 -18.81 2.68
CA ASN A 384 17.90 -18.25 1.40
C ASN A 384 18.81 -17.03 1.50
N MET A 385 19.04 -16.53 2.71
CA MET A 385 19.77 -15.28 2.86
C MET A 385 21.21 -15.36 2.36
N ALA A 386 21.95 -16.42 2.74
CA ALA A 386 23.36 -16.50 2.38
C ALA A 386 23.58 -16.56 0.86
N PRO A 387 22.90 -17.48 0.14
CA PRO A 387 23.02 -17.45 -1.33
C PRO A 387 22.59 -16.12 -1.95
N LEU A 388 21.47 -15.56 -1.46
CA LEU A 388 20.99 -14.26 -1.93
CA LEU A 388 20.98 -14.26 -1.90
C LEU A 388 22.11 -13.21 -1.81
N CYS A 389 22.71 -13.12 -0.64
CA CYS A 389 23.71 -12.11 -0.39
C CYS A 389 25.01 -12.36 -1.15
N GLU A 390 25.37 -13.63 -1.32
CA GLU A 390 26.55 -13.97 -2.12
C GLU A 390 26.40 -13.50 -3.57
N ALA A 391 25.20 -13.71 -4.12
CA ALA A 391 24.85 -13.23 -5.47
C ALA A 391 24.94 -11.71 -5.60
N ILE A 392 24.39 -10.99 -4.62
CA ILE A 392 24.42 -9.53 -4.63
C ILE A 392 25.87 -9.04 -4.57
N VAL A 393 26.65 -9.59 -3.65
CA VAL A 393 28.05 -9.23 -3.52
C VAL A 393 28.77 -9.44 -4.86
N ALA A 394 28.40 -10.49 -5.57
CA ALA A 394 29.03 -10.86 -6.84
C ALA A 394 28.79 -9.84 -7.96
N VAL A 395 27.67 -9.11 -7.89
CA VAL A 395 27.34 -8.13 -8.93
C VAL A 395 27.72 -6.70 -8.56
N LEU A 396 28.23 -6.51 -7.34
CA LEU A 396 28.60 -5.18 -6.87
C LEU A 396 29.77 -4.59 -7.67
S SO4 B . -0.91 12.26 -18.08
O1 SO4 B . -0.96 11.84 -16.65
O2 SO4 B . -2.25 12.49 -18.64
O3 SO4 B . -0.25 11.20 -18.88
O4 SO4 B . -0.15 13.52 -18.21
S SO4 C . -25.35 -1.95 11.69
O1 SO4 C . -26.20 -2.29 12.84
O2 SO4 C . -26.05 -2.34 10.44
O3 SO4 C . -24.10 -2.72 11.81
O4 SO4 C . -25.12 -0.49 11.66
S SO4 D . 3.99 -4.84 19.57
O1 SO4 D . 4.02 -3.55 20.30
O2 SO4 D . 3.23 -4.65 18.31
O3 SO4 D . 3.28 -5.87 20.37
O4 SO4 D . 5.36 -5.30 19.26
O1T PSZ E . 4.47 -5.22 -5.62
C3A PSZ E . 3.71 -4.25 -5.44
O2T PSZ E . 4.14 -3.08 -5.47
C2T PSZ E . 2.26 -4.48 -5.18
S PSZ E . 1.63 -6.07 -5.55
C5T PSZ E . -0.01 -5.73 -5.09
C4T PSZ E . 0.03 -4.39 -4.66
C3T PSZ E . 1.24 -3.68 -4.70
N4A PSZ E . -1.21 -3.76 -4.19
C4A PSZ E . -1.02 -3.04 -2.94
C4 PSZ E . -1.22 -1.54 -3.08
C3 PSZ E . -0.05 -0.63 -2.89
O3 PSZ E . 1.17 -1.13 -2.58
C2 PSZ E . -0.25 0.84 -3.02
C2A PSZ E . 0.89 1.79 -2.83
N1 PSZ E . -1.47 1.31 -3.33
C6 PSZ E . -2.55 0.52 -3.52
C5 PSZ E . -2.52 -0.87 -3.41
C5A PSZ E . -3.83 -1.59 -3.67
O4P PSZ E . -4.11 -2.66 -2.77
P PSZ E . -5.16 -3.82 -3.20
O3P PSZ E . -4.31 -5.04 -3.46
O1P PSZ E . -5.86 -3.29 -4.43
O2P PSZ E . -6.06 -3.95 -2.00
N1 PMP F . -1.62 1.29 -3.07
C2 PMP F . -0.33 0.91 -2.79
C2A PMP F . 0.69 1.94 -2.39
C3 PMP F . 0.04 -0.41 -2.98
O3 PMP F . 1.34 -0.77 -2.76
C4 PMP F . -0.91 -1.36 -3.35
C4A PMP F . -0.54 -2.83 -3.38
N4A PMP F . -0.91 -3.38 -2.09
C5 PMP F . -2.22 -0.95 -3.63
C6 PMP F . -2.59 0.36 -3.35
C5A PMP F . -3.24 -1.89 -4.23
O4P PMP F . -3.86 -2.64 -3.19
P PMP F . -4.88 -3.81 -3.58
O1P PMP F . -5.84 -3.38 -4.67
O2P PMP F . -5.66 -4.12 -2.33
O3P PMP F . -4.11 -5.02 -4.01
C1 GOL G . 0.69 -4.36 14.20
O1 GOL G . 2.02 -3.99 13.87
C2 GOL G . 0.35 -4.10 15.67
O2 GOL G . 0.19 -2.71 15.98
C3 GOL G . -0.93 -4.87 15.99
O3 GOL G . -1.26 -4.66 17.35
C1 GOL H . 0.01 -12.58 4.20
O1 GOL H . -0.39 -11.25 4.00
C2 GOL H . -1.02 -13.24 5.10
O2 GOL H . -1.06 -12.56 6.32
C3 GOL H . -0.74 -14.71 5.31
O3 GOL H . 0.50 -15.07 4.77
C1 GOL I . -19.25 6.05 7.25
O1 GOL I . -20.03 5.45 6.27
C2 GOL I . -19.58 5.56 8.65
O2 GOL I . -20.95 5.75 8.93
C3 GOL I . -19.04 4.14 8.79
O3 GOL I . -19.95 3.18 8.30
C1 GOL J . 9.79 -4.95 17.35
O1 GOL J . 8.44 -4.70 17.68
C2 GOL J . 9.79 -5.25 15.86
O2 GOL J . 11.04 -5.74 15.40
C3 GOL J . 9.41 -4.02 15.06
O3 GOL J . 9.10 -4.44 13.76
C1 GOL K . -18.13 -13.26 15.74
O1 GOL K . -19.10 -12.44 16.34
C2 GOL K . -17.87 -14.50 16.57
O2 GOL K . -18.26 -14.27 17.91
C3 GOL K . -16.36 -14.80 16.51
O3 GOL K . -16.13 -16.18 16.50
C1 GOL L . -5.26 12.15 -18.39
O1 GOL L . -5.42 13.23 -19.29
C2 GOL L . -5.59 10.84 -19.09
O2 GOL L . -6.91 10.91 -19.57
C3 GOL L . -4.62 10.59 -20.24
O3 GOL L . -3.34 10.25 -19.75
C1 GOL M . 8.31 5.47 11.12
O1 GOL M . 9.61 4.94 11.13
C2 GOL M . 8.36 6.87 10.55
O2 GOL M . 9.19 7.68 11.37
C3 GOL M . 6.95 7.45 10.52
O3 GOL M . 6.98 8.78 10.95
C1 GOL N . -0.01 -10.85 -7.97
O1 GOL N . 0.31 -11.72 -9.04
C2 GOL N . 0.17 -9.41 -8.38
O2 GOL N . 0.91 -8.72 -7.40
C3 GOL N . -1.17 -8.71 -8.51
O3 GOL N . -0.92 -7.51 -9.18
#